data_1SFJ
#
_entry.id   1SFJ
#
_cell.length_a   76.580
_cell.length_b   76.580
_cell.length_c   172.440
_cell.angle_alpha   90.00
_cell.angle_beta   90.00
_cell.angle_gamma   90.00
#
_symmetry.space_group_name_H-M   'P 41 21 2'
#
loop_
_entity.id
_entity.type
_entity.pdbx_description
1 polymer '3-dehydroquinate dehydratase'
2 non-polymer 3-DEHYDROSHIKIMATE
3 water water
#
_entity_poly.entity_id   1
_entity_poly.type   'polypeptide(L)'
_entity_poly.pdbx_seq_one_letter_code
;MTHVEVVATITPQLYIEETLIQKINHRIDAIDVLELRIDQFENVTVDQVAEMITKLKVMQDSFKLLVTYRTKLQGGYGQF
TNDSYLNLISDLANINGIDMIDIEWQADIDIEKHQRIITHLQQYNKEVIISHHNFESTPPLDELQFIFFKMQKFNPEYVK
LAVMPHNKNDVLNLLQAMSTFSDTMDCKVVGISMSKLGLISRTAQGVFGGALTYGCIGEPQAPGQIDVTDLKAQVTLY
;
_entity_poly.pdbx_strand_id   A,B
#
loop_
_chem_comp.id
_chem_comp.type
_chem_comp.name
_chem_comp.formula
DHK non-polymer 3-DEHYDROSHIKIMATE 'C7 H10 O5'
#
# COMPACT_ATOMS: atom_id res chain seq x y z
N HIS A 3 16.77 2.74 -4.11
CA HIS A 3 15.41 3.31 -4.27
C HIS A 3 14.73 2.69 -5.49
N VAL A 4 13.43 2.92 -5.62
CA VAL A 4 12.66 2.36 -6.74
C VAL A 4 12.73 3.18 -8.01
N GLU A 5 13.01 2.50 -9.12
CA GLU A 5 13.07 3.16 -10.42
C GLU A 5 11.73 3.02 -11.15
N VAL A 6 11.28 4.12 -11.75
CA VAL A 6 10.00 4.14 -12.46
C VAL A 6 10.20 3.83 -13.93
N VAL A 7 9.47 2.82 -14.41
CA VAL A 7 9.57 2.42 -15.80
C VAL A 7 8.32 2.86 -16.56
N ALA A 8 8.55 3.43 -17.74
CA ALA A 8 7.44 3.84 -18.58
C ALA A 8 7.46 2.80 -19.68
N THR A 9 6.35 2.09 -19.86
CA THR A 9 6.27 1.06 -20.88
C THR A 9 5.65 1.62 -22.16
N ILE A 10 6.36 1.49 -23.27
CA ILE A 10 5.82 1.98 -24.53
C ILE A 10 5.77 0.88 -25.58
N THR A 11 4.91 1.08 -26.57
CA THR A 11 4.70 0.13 -27.66
C THR A 11 4.47 0.90 -28.96
N PRO A 12 5.55 1.42 -29.56
CA PRO A 12 5.53 2.20 -30.80
C PRO A 12 5.49 1.38 -32.09
N GLN A 13 6.22 1.86 -33.11
CA GLN A 13 6.30 1.20 -34.42
C GLN A 13 7.59 1.57 -35.17
N GLU A 18 6.30 10.18 -33.45
CA GLU A 18 6.80 11.49 -33.03
C GLU A 18 6.02 12.05 -31.86
N THR A 19 4.69 11.96 -31.94
CA THR A 19 3.82 12.47 -30.89
C THR A 19 4.14 11.79 -29.57
N LEU A 20 4.67 10.57 -29.65
CA LEU A 20 5.01 9.81 -28.45
C LEU A 20 6.28 10.36 -27.82
N ILE A 21 7.14 10.96 -28.65
CA ILE A 21 8.38 11.55 -28.16
C ILE A 21 7.99 12.84 -27.46
N GLN A 22 6.89 13.41 -27.92
CA GLN A 22 6.35 14.65 -27.37
C GLN A 22 5.94 14.35 -25.93
N LYS A 23 5.22 13.25 -25.75
CA LYS A 23 4.72 12.84 -24.45
C LYS A 23 5.80 12.29 -23.52
N ILE A 24 6.84 11.69 -24.08
CA ILE A 24 7.90 11.16 -23.22
C ILE A 24 8.66 12.30 -22.55
N ASN A 25 9.30 13.15 -23.34
CA ASN A 25 10.06 14.27 -22.77
C ASN A 25 9.21 15.08 -21.79
N HIS A 26 7.90 14.96 -21.91
CA HIS A 26 7.00 15.66 -21.01
C HIS A 26 7.12 15.05 -19.60
N ARG A 27 7.24 13.73 -19.57
CA ARG A 27 7.37 12.99 -18.31
C ARG A 27 8.80 12.62 -18.02
N ILE A 28 9.75 13.27 -18.68
CA ILE A 28 11.17 12.97 -18.50
C ILE A 28 11.64 12.91 -17.05
N ASP A 29 11.07 13.73 -16.18
CA ASP A 29 11.48 13.75 -14.77
C ASP A 29 10.85 12.63 -13.95
N ALA A 30 9.85 11.96 -14.52
CA ALA A 30 9.17 10.87 -13.84
C ALA A 30 9.70 9.53 -14.34
N ILE A 31 10.58 9.59 -15.35
CA ILE A 31 11.13 8.39 -15.96
C ILE A 31 12.60 8.12 -15.65
N ASP A 32 12.85 6.96 -15.04
CA ASP A 32 14.20 6.51 -14.71
C ASP A 32 14.59 5.40 -15.68
N VAL A 33 13.57 4.78 -16.26
CA VAL A 33 13.77 3.69 -17.20
C VAL A 33 12.70 3.66 -18.27
N LEU A 34 13.11 3.65 -19.53
CA LEU A 34 12.17 3.59 -20.61
C LEU A 34 12.19 2.16 -21.12
N GLU A 35 11.03 1.51 -21.11
CA GLU A 35 10.94 0.14 -21.57
C GLU A 35 10.32 0.06 -22.95
N LEU A 36 11.17 -0.24 -23.93
CA LEU A 36 10.74 -0.37 -25.31
C LEU A 36 10.27 -1.79 -25.59
N ARG A 37 8.96 -1.99 -25.51
CA ARG A 37 8.41 -3.30 -25.82
C ARG A 37 8.54 -3.39 -27.34
N ILE A 38 8.96 -4.53 -27.85
CA ILE A 38 9.09 -4.66 -29.29
C ILE A 38 8.21 -5.77 -29.87
N ASP A 39 7.73 -6.66 -29.01
CA ASP A 39 6.90 -7.77 -29.46
C ASP A 39 5.64 -7.37 -30.23
N GLN A 40 5.42 -6.07 -30.40
CA GLN A 40 4.24 -5.62 -31.15
C GLN A 40 4.53 -5.34 -32.62
N PHE A 41 5.68 -5.80 -33.12
CA PHE A 41 6.05 -5.61 -34.52
C PHE A 41 6.22 -6.99 -35.13
N GLU A 42 5.67 -7.18 -36.33
CA GLU A 42 5.80 -8.47 -37.01
C GLU A 42 7.17 -8.58 -37.65
N ASN A 43 7.85 -9.70 -37.38
CA ASN A 43 9.18 -9.94 -37.94
C ASN A 43 10.17 -8.86 -37.52
N VAL A 44 10.30 -8.64 -36.22
CA VAL A 44 11.23 -7.63 -35.73
C VAL A 44 12.67 -8.08 -35.94
N THR A 45 13.53 -7.13 -36.23
CA THR A 45 14.94 -7.40 -36.44
C THR A 45 15.74 -6.51 -35.50
N VAL A 46 16.94 -6.94 -35.14
CA VAL A 46 17.79 -6.16 -34.25
C VAL A 46 18.11 -4.84 -34.94
N ASP A 47 18.16 -4.87 -36.28
CA ASP A 47 18.44 -3.68 -37.08
C ASP A 47 17.31 -2.66 -36.87
N GLN A 48 16.07 -3.14 -36.97
CA GLN A 48 14.90 -2.29 -36.78
C GLN A 48 14.90 -1.70 -35.38
N VAL A 49 15.14 -2.57 -34.39
CA VAL A 49 15.20 -2.15 -32.99
C VAL A 49 16.24 -1.06 -32.82
N ALA A 50 17.45 -1.32 -33.32
CA ALA A 50 18.56 -0.38 -33.22
C ALA A 50 18.20 0.94 -33.89
N GLU A 51 17.37 0.88 -34.92
CA GLU A 51 16.97 2.09 -35.63
C GLU A 51 16.00 2.89 -34.75
N MET A 52 15.19 2.19 -33.96
CA MET A 52 14.23 2.85 -33.08
C MET A 52 14.94 3.55 -31.92
N ILE A 53 15.82 2.81 -31.26
CA ILE A 53 16.57 3.32 -30.13
C ILE A 53 17.36 4.60 -30.46
N THR A 54 18.09 4.59 -31.57
CA THR A 54 18.87 5.75 -31.98
C THR A 54 17.97 6.97 -32.16
N LYS A 55 16.66 6.72 -32.28
CA LYS A 55 15.69 7.80 -32.45
C LYS A 55 15.21 8.32 -31.10
N LEU A 56 15.70 7.71 -30.03
CA LEU A 56 15.33 8.10 -28.67
C LEU A 56 16.55 8.54 -27.86
N SER A 62 18.72 10.46 -20.09
CA SER A 62 18.44 10.65 -18.67
C SER A 62 17.88 9.38 -18.02
N PHE A 63 17.39 8.46 -18.83
CA PHE A 63 16.83 7.22 -18.33
C PHE A 63 17.49 5.99 -18.97
N LYS A 64 17.53 4.88 -18.23
CA LYS A 64 18.10 3.64 -18.76
C LYS A 64 17.11 3.15 -19.82
N LEU A 65 17.59 2.32 -20.74
CA LEU A 65 16.71 1.80 -21.77
C LEU A 65 16.58 0.29 -21.64
N LEU A 66 15.33 -0.16 -21.47
CA LEU A 66 15.05 -1.57 -21.33
C LEU A 66 14.35 -2.02 -22.61
N VAL A 67 14.75 -3.16 -23.13
CA VAL A 67 14.13 -3.68 -24.34
C VAL A 67 13.49 -5.01 -23.98
N THR A 68 12.19 -5.09 -24.23
CA THR A 68 11.45 -6.29 -23.88
C THR A 68 10.67 -6.92 -25.01
N TYR A 69 10.85 -8.22 -25.17
CA TYR A 69 10.12 -8.98 -26.18
C TYR A 69 9.25 -9.96 -25.40
N ARG A 70 7.96 -9.64 -25.28
CA ARG A 70 7.04 -10.49 -24.52
C ARG A 70 6.31 -11.48 -25.41
N THR A 71 6.57 -12.77 -25.18
CA THR A 71 5.95 -13.84 -25.94
C THR A 71 4.45 -13.93 -25.63
N LYS A 72 3.65 -14.20 -26.66
CA LYS A 72 2.21 -14.31 -26.51
C LYS A 72 1.89 -15.30 -25.39
N LEU A 73 2.80 -16.24 -25.17
CA LEU A 73 2.63 -17.24 -24.12
C LEU A 73 2.81 -16.62 -22.74
N GLN A 74 2.99 -15.31 -22.68
CA GLN A 74 3.16 -14.62 -21.41
C GLN A 74 2.51 -13.25 -21.36
N GLY A 75 1.42 -13.09 -22.11
CA GLY A 75 0.72 -11.83 -22.11
C GLY A 75 1.17 -10.92 -23.23
N GLY A 76 2.26 -11.31 -23.88
CA GLY A 76 2.77 -10.51 -24.98
C GLY A 76 2.08 -10.82 -26.29
N TYR A 77 2.53 -10.15 -27.34
CA TYR A 77 1.99 -10.36 -28.67
C TYR A 77 3.01 -11.06 -29.57
N GLY A 78 4.17 -11.37 -28.99
CA GLY A 78 5.25 -12.01 -29.74
C GLY A 78 5.04 -13.43 -30.20
N GLN A 79 5.19 -13.66 -31.51
CA GLN A 79 5.03 -14.99 -32.08
C GLN A 79 6.33 -15.52 -32.67
N PHE A 80 7.27 -15.89 -31.81
CA PHE A 80 8.56 -16.43 -32.24
C PHE A 80 8.89 -17.75 -31.53
N THR A 81 9.48 -18.68 -32.28
CA THR A 81 9.87 -19.98 -31.73
C THR A 81 10.76 -19.76 -30.52
N ASN A 82 11.07 -20.83 -29.80
CA ASN A 82 11.94 -20.74 -28.65
C ASN A 82 13.34 -20.35 -29.16
N ASP A 83 13.69 -20.85 -30.34
CA ASP A 83 15.00 -20.57 -30.92
C ASP A 83 15.11 -19.18 -31.55
N SER A 84 14.11 -18.78 -32.33
CA SER A 84 14.16 -17.46 -32.95
C SER A 84 14.03 -16.39 -31.88
N TYR A 85 13.30 -16.70 -30.81
CA TYR A 85 13.13 -15.78 -29.69
C TYR A 85 14.46 -15.64 -28.98
N LEU A 86 15.04 -16.79 -28.62
CA LEU A 86 16.32 -16.83 -27.92
C LEU A 86 17.44 -16.13 -28.66
N ASN A 87 17.47 -16.30 -29.98
CA ASN A 87 18.50 -15.66 -30.79
C ASN A 87 18.31 -14.15 -30.85
N LEU A 88 17.04 -13.72 -30.83
CA LEU A 88 16.76 -12.28 -30.86
C LEU A 88 17.27 -11.65 -29.57
N ILE A 89 17.11 -12.38 -28.47
CA ILE A 89 17.54 -11.89 -27.17
C ILE A 89 19.05 -11.76 -27.18
N SER A 90 19.71 -12.78 -27.72
CA SER A 90 21.16 -12.78 -27.79
C SER A 90 21.67 -11.68 -28.71
N ASP A 91 21.01 -11.50 -29.87
CA ASP A 91 21.43 -10.47 -30.80
C ASP A 91 21.23 -9.08 -30.22
N LEU A 92 20.18 -8.92 -29.41
CA LEU A 92 19.89 -7.63 -28.77
C LEU A 92 21.12 -7.10 -28.06
N ALA A 93 21.96 -8.02 -27.59
CA ALA A 93 23.17 -7.66 -26.87
C ALA A 93 24.11 -6.73 -27.66
N ASN A 94 24.06 -6.80 -28.98
CA ASN A 94 24.95 -5.98 -29.81
C ASN A 94 24.67 -4.47 -29.78
N ILE A 95 23.42 -4.10 -29.56
CA ILE A 95 23.04 -2.68 -29.52
C ILE A 95 23.58 -1.99 -28.27
N ASN A 96 24.49 -1.04 -28.45
CA ASN A 96 25.09 -0.32 -27.34
C ASN A 96 24.13 0.53 -26.51
N GLY A 97 23.17 1.16 -27.18
CA GLY A 97 22.19 2.00 -26.50
C GLY A 97 21.24 1.30 -25.55
N ILE A 98 21.25 -0.03 -25.56
CA ILE A 98 20.40 -0.85 -24.69
C ILE A 98 21.10 -1.10 -23.34
N ASP A 99 20.44 -0.75 -22.25
CA ASP A 99 21.02 -0.95 -20.93
C ASP A 99 20.48 -2.20 -20.25
N MET A 100 19.22 -2.53 -20.52
CA MET A 100 18.57 -3.68 -19.91
C MET A 100 17.77 -4.52 -20.90
N ILE A 101 17.91 -5.83 -20.79
CA ILE A 101 17.20 -6.77 -21.65
C ILE A 101 16.37 -7.70 -20.78
N ASP A 102 15.15 -7.99 -21.22
CA ASP A 102 14.25 -8.87 -20.48
C ASP A 102 14.18 -10.25 -21.15
N ILE A 103 14.59 -11.27 -20.40
CA ILE A 103 14.54 -12.64 -20.89
C ILE A 103 13.52 -13.37 -20.00
N GLU A 104 12.56 -14.03 -20.65
CA GLU A 104 11.51 -14.74 -19.92
C GLU A 104 11.93 -16.07 -19.32
N TRP A 105 11.19 -16.49 -18.28
CA TRP A 105 11.43 -17.74 -17.60
C TRP A 105 10.18 -18.63 -17.63
N GLN A 106 10.40 -19.93 -17.58
CA GLN A 106 9.35 -20.95 -17.56
C GLN A 106 10.04 -22.30 -17.43
N ALA A 107 9.83 -22.95 -16.29
CA ALA A 107 10.41 -24.25 -15.95
C ALA A 107 10.86 -25.19 -17.08
N ASP A 108 9.98 -25.41 -18.08
CA ASP A 108 10.31 -26.29 -19.20
C ASP A 108 11.40 -25.69 -20.08
N ILE A 109 11.99 -24.61 -19.59
CA ILE A 109 13.03 -23.88 -20.31
C ILE A 109 14.31 -24.72 -20.41
N ASP A 110 15.07 -24.50 -21.48
CA ASP A 110 16.32 -25.22 -21.65
C ASP A 110 17.32 -24.46 -20.79
N ILE A 111 17.47 -24.89 -19.54
CA ILE A 111 18.36 -24.24 -18.59
C ILE A 111 19.70 -23.80 -19.18
N GLU A 112 20.61 -24.74 -19.35
CA GLU A 112 21.94 -24.45 -19.91
C GLU A 112 21.95 -23.35 -20.96
N LYS A 113 21.10 -23.53 -21.98
CA LYS A 113 20.99 -22.58 -23.08
C LYS A 113 20.69 -21.19 -22.54
N HIS A 114 19.73 -21.12 -21.62
CA HIS A 114 19.35 -19.85 -20.99
C HIS A 114 20.56 -19.25 -20.28
N GLN A 115 21.17 -20.03 -19.39
CA GLN A 115 22.33 -19.59 -18.63
C GLN A 115 23.47 -19.15 -19.56
N ARG A 116 23.46 -19.73 -20.75
CA ARG A 116 24.45 -19.43 -21.77
C ARG A 116 24.10 -18.06 -22.34
N ILE A 117 22.84 -17.86 -22.69
CA ILE A 117 22.38 -16.60 -23.25
C ILE A 117 22.47 -15.46 -22.25
N ILE A 118 22.22 -15.74 -20.98
CA ILE A 118 22.30 -14.71 -19.94
C ILE A 118 23.72 -14.23 -19.68
N THR A 119 24.66 -15.16 -19.53
CA THR A 119 26.07 -14.81 -19.30
C THR A 119 26.61 -13.97 -20.45
N HIS A 120 26.13 -14.27 -21.66
CA HIS A 120 26.52 -13.57 -22.86
C HIS A 120 26.07 -12.10 -22.78
N LEU A 121 24.82 -11.89 -22.39
CA LEU A 121 24.27 -10.53 -22.27
C LEU A 121 25.03 -9.72 -21.22
N GLN A 122 25.38 -10.37 -20.12
CA GLN A 122 26.11 -9.69 -19.06
C GLN A 122 27.53 -9.41 -19.52
N GLN A 123 28.03 -10.23 -20.45
CA GLN A 123 29.37 -10.08 -21.00
C GLN A 123 29.42 -8.81 -21.82
N TYR A 124 28.24 -8.35 -22.26
CA TYR A 124 28.13 -7.12 -23.03
C TYR A 124 27.69 -5.98 -22.11
N ASN A 125 27.84 -6.21 -20.81
CA ASN A 125 27.48 -5.20 -19.83
C ASN A 125 26.01 -4.76 -19.92
N LYS A 126 25.12 -5.70 -20.19
CA LYS A 126 23.70 -5.41 -20.27
C LYS A 126 23.11 -5.89 -18.95
N GLU A 127 22.21 -5.10 -18.36
CA GLU A 127 21.58 -5.52 -17.12
C GLU A 127 20.49 -6.50 -17.52
N VAL A 128 20.52 -7.70 -16.94
CA VAL A 128 19.55 -8.72 -17.27
C VAL A 128 18.36 -8.79 -16.31
N ILE A 129 17.17 -8.92 -16.87
CA ILE A 129 15.93 -9.03 -16.10
C ILE A 129 15.21 -10.31 -16.50
N ILE A 130 15.32 -11.32 -15.64
CA ILE A 130 14.66 -12.60 -15.89
C ILE A 130 13.24 -12.39 -15.35
N SER A 131 12.25 -12.61 -16.19
CA SER A 131 10.86 -12.38 -15.80
C SER A 131 9.90 -13.55 -15.99
N HIS A 132 8.80 -13.50 -15.23
CA HIS A 132 7.76 -14.51 -15.30
C HIS A 132 6.40 -13.87 -15.07
N HIS A 133 5.47 -14.15 -15.97
CA HIS A 133 4.12 -13.61 -15.87
C HIS A 133 3.06 -14.70 -15.73
N ASN A 134 1.95 -14.35 -15.08
CA ASN A 134 0.82 -15.25 -14.89
C ASN A 134 -0.43 -14.39 -14.77
N PHE A 135 -1.08 -14.16 -15.92
CA PHE A 135 -2.28 -13.34 -15.96
C PHE A 135 -3.54 -14.07 -15.52
N GLU A 136 -3.39 -15.33 -15.10
CA GLU A 136 -4.55 -16.12 -14.70
C GLU A 136 -4.77 -16.21 -13.20
N SER A 137 -3.69 -16.21 -12.42
CA SER A 137 -3.86 -16.28 -10.98
C SER A 137 -2.56 -16.04 -10.23
N THR A 138 -2.66 -16.09 -8.92
CA THR A 138 -1.52 -15.90 -8.04
C THR A 138 -1.21 -17.16 -7.26
N PRO A 139 -0.09 -17.83 -7.56
CA PRO A 139 0.31 -19.05 -6.87
C PRO A 139 0.48 -18.85 -5.37
N PRO A 140 0.37 -19.92 -4.59
CA PRO A 140 0.51 -19.82 -3.13
C PRO A 140 1.85 -19.17 -2.82
N LEU A 141 1.99 -18.66 -1.60
CA LEU A 141 3.22 -17.99 -1.21
C LEU A 141 4.45 -18.82 -1.54
N ASP A 142 4.50 -20.05 -1.03
CA ASP A 142 5.63 -20.95 -1.24
C ASP A 142 6.01 -21.08 -2.72
N GLU A 143 5.00 -21.18 -3.59
CA GLU A 143 5.24 -21.33 -5.00
C GLU A 143 5.81 -20.03 -5.58
N LEU A 144 5.38 -18.90 -5.02
CA LEU A 144 5.87 -17.60 -5.46
C LEU A 144 7.34 -17.52 -5.10
N GLN A 145 7.63 -17.83 -3.84
CA GLN A 145 9.00 -17.80 -3.33
C GLN A 145 9.88 -18.74 -4.15
N PHE A 146 9.28 -19.86 -4.57
CA PHE A 146 9.98 -20.86 -5.36
C PHE A 146 10.32 -20.35 -6.76
N ILE A 147 9.30 -19.83 -7.45
CA ILE A 147 9.52 -19.33 -8.79
C ILE A 147 10.59 -18.24 -8.78
N PHE A 148 10.64 -17.44 -7.72
CA PHE A 148 11.64 -16.39 -7.60
C PHE A 148 13.01 -17.05 -7.50
N PHE A 149 13.07 -18.15 -6.76
CA PHE A 149 14.29 -18.91 -6.53
C PHE A 149 14.88 -19.44 -7.85
N LYS A 150 14.06 -20.12 -8.63
CA LYS A 150 14.50 -20.69 -9.90
C LYS A 150 15.07 -19.61 -10.80
N MET A 151 14.39 -18.47 -10.85
CA MET A 151 14.81 -17.37 -11.71
C MET A 151 16.10 -16.70 -11.29
N GLN A 152 16.42 -16.74 -10.01
CA GLN A 152 17.65 -16.09 -9.54
C GLN A 152 18.84 -17.05 -9.59
N LYS A 153 18.60 -18.27 -10.06
CA LYS A 153 19.67 -19.26 -10.17
C LYS A 153 20.64 -18.90 -11.30
N PHE A 154 20.18 -18.07 -12.24
CA PHE A 154 21.04 -17.66 -13.34
C PHE A 154 21.75 -16.36 -13.01
N ASN A 155 21.74 -15.99 -11.73
CA ASN A 155 22.37 -14.75 -11.26
C ASN A 155 22.19 -13.59 -12.22
N PRO A 156 20.95 -13.10 -12.39
CA PRO A 156 20.63 -11.99 -13.28
C PRO A 156 20.70 -10.72 -12.44
N GLU A 157 20.52 -9.57 -13.07
CA GLU A 157 20.54 -8.30 -12.35
C GLU A 157 19.25 -8.15 -11.57
N TYR A 158 18.14 -8.47 -12.24
CA TYR A 158 16.81 -8.37 -11.66
C TYR A 158 15.98 -9.62 -11.91
N VAL A 159 15.16 -9.96 -10.93
CA VAL A 159 14.25 -11.08 -11.06
C VAL A 159 12.87 -10.40 -11.05
N LYS A 160 12.05 -10.70 -12.04
CA LYS A 160 10.72 -10.07 -12.13
C LYS A 160 9.58 -11.10 -12.15
N LEU A 161 8.56 -10.84 -11.33
CA LEU A 161 7.41 -11.73 -11.23
C LEU A 161 6.09 -10.97 -11.15
N ALA A 162 5.30 -11.04 -12.22
CA ALA A 162 3.99 -10.39 -12.29
C ALA A 162 2.94 -11.50 -12.20
N VAL A 163 1.96 -11.32 -11.33
CA VAL A 163 0.90 -12.31 -11.13
C VAL A 163 -0.47 -11.67 -10.91
N MET A 164 -1.52 -12.40 -11.29
CA MET A 164 -2.89 -11.91 -11.16
C MET A 164 -3.54 -12.33 -9.83
N PRO A 165 -3.89 -11.35 -8.99
CA PRO A 165 -4.52 -11.67 -7.71
C PRO A 165 -5.99 -11.92 -7.95
N HIS A 166 -6.62 -12.66 -7.05
CA HIS A 166 -8.04 -12.97 -7.14
C HIS A 166 -8.68 -12.54 -5.83
N ASN A 167 -7.85 -12.15 -4.89
CA ASN A 167 -8.31 -11.74 -3.58
C ASN A 167 -7.19 -10.97 -2.86
N LYS A 168 -7.49 -10.41 -1.71
CA LYS A 168 -6.51 -9.65 -0.94
C LYS A 168 -5.28 -10.46 -0.57
N ASN A 169 -5.48 -11.71 -0.15
CA ASN A 169 -4.35 -12.56 0.24
C ASN A 169 -3.35 -12.80 -0.87
N ASP A 170 -3.83 -12.89 -2.12
CA ASP A 170 -2.94 -13.08 -3.26
C ASP A 170 -2.01 -11.88 -3.38
N VAL A 171 -2.50 -10.73 -2.92
CA VAL A 171 -1.73 -9.50 -2.96
C VAL A 171 -0.67 -9.49 -1.87
N LEU A 172 -1.08 -9.83 -0.65
CA LEU A 172 -0.14 -9.86 0.45
C LEU A 172 0.92 -10.94 0.20
N ASN A 173 0.51 -12.05 -0.40
CA ASN A 173 1.45 -13.12 -0.68
C ASN A 173 2.53 -12.65 -1.65
N LEU A 174 2.14 -11.97 -2.73
CA LEU A 174 3.11 -11.45 -3.68
C LEU A 174 4.03 -10.47 -2.97
N LEU A 175 3.47 -9.67 -2.08
CA LEU A 175 4.25 -8.69 -1.34
C LEU A 175 5.22 -9.34 -0.36
N GLN A 176 4.74 -10.38 0.31
CA GLN A 176 5.57 -11.10 1.29
C GLN A 176 6.75 -11.78 0.60
N ALA A 177 6.47 -12.43 -0.51
CA ALA A 177 7.50 -13.14 -1.25
C ALA A 177 8.62 -12.19 -1.66
N MET A 178 8.24 -11.08 -2.31
CA MET A 178 9.25 -10.13 -2.76
C MET A 178 10.00 -9.52 -1.58
N SER A 179 9.28 -9.28 -0.48
CA SER A 179 9.91 -8.69 0.71
C SER A 179 10.97 -9.64 1.26
N THR A 180 10.58 -10.89 1.52
CA THR A 180 11.50 -11.91 2.03
C THR A 180 12.72 -12.04 1.12
N PHE A 181 12.47 -12.08 -0.19
CA PHE A 181 13.53 -12.19 -1.17
C PHE A 181 14.54 -11.04 -1.05
N SER A 182 14.04 -9.81 -1.06
CA SER A 182 14.92 -8.63 -0.99
C SER A 182 15.71 -8.62 0.31
N ASP A 183 15.27 -9.41 1.28
CA ASP A 183 15.95 -9.47 2.58
C ASP A 183 17.06 -10.52 2.60
N THR A 184 17.06 -11.43 1.63
CA THR A 184 18.06 -12.47 1.60
C THR A 184 19.03 -12.35 0.42
N MET A 185 18.49 -12.49 -0.78
CA MET A 185 19.26 -12.43 -2.02
C MET A 185 20.05 -11.15 -2.28
N ASP A 186 21.15 -11.30 -3.00
CA ASP A 186 22.00 -10.18 -3.37
C ASP A 186 21.63 -9.78 -4.79
N CYS A 187 20.40 -10.14 -5.16
CA CYS A 187 19.84 -9.85 -6.47
C CYS A 187 18.70 -8.86 -6.27
N LYS A 188 18.47 -8.01 -7.26
CA LYS A 188 17.38 -7.05 -7.18
C LYS A 188 16.09 -7.79 -7.51
N VAL A 189 14.99 -7.39 -6.86
CA VAL A 189 13.71 -8.05 -7.09
C VAL A 189 12.59 -7.12 -7.55
N VAL A 190 11.71 -7.66 -8.39
CA VAL A 190 10.58 -6.89 -8.91
C VAL A 190 9.32 -7.74 -8.78
N GLY A 191 8.41 -7.31 -7.91
CA GLY A 191 7.17 -8.04 -7.71
C GLY A 191 5.96 -7.24 -8.14
N ILE A 192 5.07 -7.86 -8.91
CA ILE A 192 3.89 -7.16 -9.36
C ILE A 192 2.62 -7.94 -9.21
N SER A 193 1.70 -7.39 -8.43
CA SER A 193 0.39 -8.00 -8.26
C SER A 193 -0.42 -7.14 -9.22
N MET A 194 -0.93 -7.75 -10.28
CA MET A 194 -1.66 -7.02 -11.31
C MET A 194 -3.07 -6.60 -10.91
N SER A 195 -3.72 -5.84 -11.79
CA SER A 195 -5.08 -5.31 -11.61
C SER A 195 -5.09 -4.17 -10.58
N LYS A 196 -6.19 -3.45 -10.48
CA LYS A 196 -6.26 -2.35 -9.53
C LYS A 196 -6.18 -2.90 -8.10
N LEU A 197 -6.63 -4.14 -7.95
CA LEU A 197 -6.63 -4.81 -6.67
C LEU A 197 -5.19 -4.89 -6.16
N GLY A 198 -4.24 -4.94 -7.08
CA GLY A 198 -2.84 -5.03 -6.70
C GLY A 198 -2.05 -3.76 -6.88
N LEU A 199 -2.73 -2.65 -7.16
CA LEU A 199 -2.05 -1.37 -7.40
C LEU A 199 -1.02 -1.06 -6.32
N ILE A 200 -1.30 -1.50 -5.11
CA ILE A 200 -0.42 -1.27 -3.98
C ILE A 200 1.00 -1.83 -4.25
N SER A 201 1.10 -2.94 -4.96
CA SER A 201 2.41 -3.52 -5.26
C SER A 201 3.23 -2.57 -6.12
N ARG A 202 2.55 -1.86 -7.02
CA ARG A 202 3.18 -0.92 -7.92
C ARG A 202 3.61 0.39 -7.25
N THR A 203 2.73 0.95 -6.43
CA THR A 203 3.02 2.21 -5.76
C THR A 203 3.96 2.11 -4.56
N ALA A 204 3.86 1.02 -3.81
CA ALA A 204 4.70 0.82 -2.64
C ALA A 204 5.74 -0.26 -2.87
N GLN A 205 6.17 -0.40 -4.11
CA GLN A 205 7.17 -1.39 -4.50
C GLN A 205 8.48 -1.22 -3.71
N GLY A 206 8.88 0.04 -3.48
CA GLY A 206 10.11 0.30 -2.75
C GLY A 206 10.05 -0.04 -1.28
N VAL A 207 8.85 0.10 -0.71
CA VAL A 207 8.63 -0.19 0.69
C VAL A 207 9.01 -1.63 1.01
N PHE A 208 8.71 -2.53 0.08
CA PHE A 208 8.96 -3.94 0.27
C PHE A 208 10.21 -4.48 -0.45
N GLY A 209 11.14 -3.60 -0.75
CA GLY A 209 12.37 -4.02 -1.40
C GLY A 209 12.38 -4.05 -2.91
N GLY A 210 11.25 -3.77 -3.54
CA GLY A 210 11.16 -3.79 -4.99
C GLY A 210 12.10 -2.77 -5.62
N ALA A 211 12.68 -3.11 -6.77
CA ALA A 211 13.63 -2.22 -7.42
C ALA A 211 13.09 -1.49 -8.64
N LEU A 212 12.05 -2.02 -9.25
CA LEU A 212 11.44 -1.44 -10.45
C LEU A 212 9.91 -1.44 -10.34
N THR A 213 9.27 -0.40 -10.85
CA THR A 213 7.82 -0.33 -10.85
C THR A 213 7.43 0.22 -12.22
N TYR A 214 6.48 -0.43 -12.88
CA TYR A 214 6.07 -0.01 -14.23
C TYR A 214 4.75 0.75 -14.32
N GLY A 215 4.80 1.87 -15.03
CA GLY A 215 3.62 2.69 -15.25
C GLY A 215 3.44 2.86 -16.75
N CYS A 216 2.53 3.73 -17.15
CA CYS A 216 2.28 3.95 -18.58
C CYS A 216 2.45 5.40 -18.98
N ILE A 217 2.39 5.64 -20.29
CA ILE A 217 2.57 6.98 -20.85
C ILE A 217 1.28 7.54 -21.43
N GLY A 218 0.18 6.85 -21.17
CA GLY A 218 -1.11 7.29 -21.67
C GLY A 218 -2.17 6.29 -21.29
N GLU A 219 -2.15 5.15 -21.98
CA GLU A 219 -3.09 4.07 -21.73
C GLU A 219 -2.28 2.95 -21.07
N PRO A 220 -2.86 2.30 -20.05
CA PRO A 220 -2.14 1.21 -19.36
C PRO A 220 -1.67 0.13 -20.32
N GLN A 221 -0.40 -0.23 -20.21
CA GLN A 221 0.19 -1.27 -21.06
C GLN A 221 0.04 -2.65 -20.45
N ALA A 222 -0.35 -2.67 -19.17
CA ALA A 222 -0.57 -3.91 -18.43
C ALA A 222 -1.64 -3.65 -17.37
N PRO A 223 -2.33 -4.71 -16.89
CA PRO A 223 -3.38 -4.58 -15.88
C PRO A 223 -2.94 -3.92 -14.57
N GLY A 224 -3.50 -2.75 -14.27
CA GLY A 224 -3.17 -2.07 -13.03
C GLY A 224 -2.19 -0.92 -13.12
N GLN A 225 -1.54 -0.76 -14.27
CA GLN A 225 -0.58 0.33 -14.45
C GLN A 225 -1.26 1.68 -14.50
N ILE A 226 -0.58 2.70 -13.98
CA ILE A 226 -1.09 4.06 -14.01
C ILE A 226 -0.01 4.89 -14.69
N ASP A 227 -0.33 6.13 -15.05
CA ASP A 227 0.64 7.00 -15.72
C ASP A 227 1.90 7.16 -14.87
N VAL A 228 3.07 7.05 -15.51
CA VAL A 228 4.32 7.20 -14.78
C VAL A 228 4.38 8.54 -14.05
N THR A 229 3.62 9.53 -14.50
CA THR A 229 3.62 10.81 -13.82
C THR A 229 2.98 10.65 -12.44
N ASP A 230 1.91 9.86 -12.37
CA ASP A 230 1.24 9.62 -11.09
C ASP A 230 2.07 8.63 -10.29
N LEU A 231 2.51 7.56 -10.96
CA LEU A 231 3.32 6.54 -10.31
C LEU A 231 4.54 7.18 -9.66
N LYS A 232 5.15 8.15 -10.34
CA LYS A 232 6.32 8.82 -9.79
C LYS A 232 5.95 9.57 -8.52
N ALA A 233 4.82 10.26 -8.57
CA ALA A 233 4.33 11.02 -7.42
C ALA A 233 4.14 10.07 -6.24
N GLN A 234 3.56 8.90 -6.51
CA GLN A 234 3.32 7.90 -5.48
C GLN A 234 4.59 7.36 -4.85
N VAL A 235 5.54 6.94 -5.69
CA VAL A 235 6.80 6.39 -5.19
C VAL A 235 7.54 7.43 -4.36
N THR A 236 7.26 8.70 -4.61
CA THR A 236 7.88 9.79 -3.88
C THR A 236 7.34 9.88 -2.45
N LEU A 237 6.06 9.53 -2.30
CA LEU A 237 5.38 9.55 -1.01
C LEU A 237 5.91 8.52 -0.03
N TYR A 238 6.07 7.28 -0.48
CA TYR A 238 6.56 6.22 0.39
C TYR A 238 8.09 6.19 0.49
N MET B 1 -13.71 2.16 -6.79
CA MET B 1 -13.21 1.27 -5.69
C MET B 1 -13.48 1.82 -4.26
N THR B 2 -13.22 0.95 -3.27
CA THR B 2 -13.37 1.09 -1.80
C THR B 2 -14.35 2.10 -1.17
N HIS B 3 -14.74 1.83 0.09
CA HIS B 3 -15.66 2.72 0.83
C HIS B 3 -15.10 3.11 2.20
N VAL B 4 -13.78 3.32 2.31
CA VAL B 4 -13.17 3.72 3.58
C VAL B 4 -13.62 5.12 3.90
N GLU B 5 -13.70 5.45 5.19
CA GLU B 5 -14.04 6.81 5.60
C GLU B 5 -12.79 7.48 6.13
N VAL B 6 -12.55 8.71 5.69
CA VAL B 6 -11.39 9.48 6.10
C VAL B 6 -11.71 10.26 7.38
N VAL B 7 -10.85 10.10 8.37
CA VAL B 7 -11.04 10.78 9.65
C VAL B 7 -10.04 11.92 9.81
N ALA B 8 -10.52 13.05 10.30
CA ALA B 8 -9.66 14.20 10.53
C ALA B 8 -9.49 14.36 12.03
N THR B 9 -8.26 14.23 12.51
CA THR B 9 -7.95 14.36 13.92
C THR B 9 -7.56 15.79 14.32
N ILE B 10 -8.26 16.35 15.29
CA ILE B 10 -7.94 17.68 15.80
C ILE B 10 -7.79 17.61 17.31
N THR B 11 -6.93 18.46 17.87
CA THR B 11 -6.67 18.51 19.31
C THR B 11 -6.64 19.95 19.78
N PRO B 12 -7.75 20.68 19.58
CA PRO B 12 -7.86 22.09 19.99
C PRO B 12 -7.92 22.25 21.49
N GLN B 13 -7.87 23.50 21.94
CA GLN B 13 -7.98 23.80 23.36
C GLN B 13 -9.40 24.31 23.54
N LEU B 14 -9.82 24.53 24.77
CA LEU B 14 -11.16 25.01 25.06
C LEU B 14 -11.66 26.05 24.07
N TYR B 15 -10.78 26.99 23.70
CA TYR B 15 -11.15 28.04 22.77
C TYR B 15 -11.05 27.60 21.31
N GLU B 18 -10.55 29.85 15.50
CA GLU B 18 -11.42 30.18 14.37
C GLU B 18 -10.80 29.71 13.05
N THR B 19 -9.48 29.80 12.95
CA THR B 19 -8.79 29.36 11.76
C THR B 19 -9.15 27.90 11.57
N LEU B 20 -9.03 27.16 12.67
CA LEU B 20 -9.32 25.74 12.72
C LEU B 20 -10.67 25.42 12.08
N ILE B 21 -11.74 26.01 12.60
CA ILE B 21 -13.07 25.79 12.07
C ILE B 21 -13.13 26.12 10.58
N GLN B 22 -12.28 27.04 10.13
CA GLN B 22 -12.24 27.42 8.72
C GLN B 22 -11.44 26.38 7.94
N LYS B 23 -10.34 25.93 8.52
CA LYS B 23 -9.51 24.90 7.89
C LYS B 23 -10.40 23.67 7.69
N ILE B 24 -11.24 23.38 8.69
CA ILE B 24 -12.13 22.23 8.61
C ILE B 24 -13.10 22.39 7.43
N ASN B 25 -13.67 23.59 7.29
CA ASN B 25 -14.60 23.83 6.19
C ASN B 25 -13.91 23.82 4.84
N HIS B 26 -12.62 24.10 4.82
CA HIS B 26 -11.85 24.09 3.59
C HIS B 26 -11.59 22.66 3.11
N ARG B 27 -11.85 21.69 4.00
CA ARG B 27 -11.62 20.28 3.69
C ARG B 27 -12.86 19.41 3.83
N ILE B 28 -14.02 20.04 3.98
CA ILE B 28 -15.30 19.35 4.16
C ILE B 28 -15.57 18.17 3.21
N ASP B 29 -14.93 18.17 2.05
CA ASP B 29 -15.16 17.11 1.08
C ASP B 29 -14.18 15.95 1.28
N ALA B 30 -13.22 16.15 2.18
CA ALA B 30 -12.23 15.13 2.46
C ALA B 30 -12.48 14.51 3.82
N ILE B 31 -13.37 15.13 4.58
CA ILE B 31 -13.69 14.65 5.93
C ILE B 31 -15.02 13.92 6.04
N ASP B 32 -14.96 12.64 6.38
CA ASP B 32 -16.17 11.85 6.58
C ASP B 32 -16.45 11.86 8.07
N VAL B 33 -15.36 11.91 8.84
CA VAL B 33 -15.45 11.90 10.30
C VAL B 33 -14.47 12.88 10.94
N LEU B 34 -14.97 13.66 11.88
CA LEU B 34 -14.12 14.60 12.59
C LEU B 34 -13.80 13.97 13.93
N GLU B 35 -12.51 13.77 14.20
CA GLU B 35 -12.11 13.18 15.47
C GLU B 35 -11.63 14.24 16.43
N LEU B 36 -12.48 14.58 17.40
CA LEU B 36 -12.14 15.57 18.40
C LEU B 36 -11.42 14.91 19.57
N ARG B 37 -10.10 15.00 19.58
CA ARG B 37 -9.35 14.44 20.69
C ARG B 37 -9.62 15.41 21.83
N ILE B 38 -9.60 14.93 23.06
CA ILE B 38 -9.84 15.84 24.19
C ILE B 38 -8.89 15.59 25.35
N ASP B 39 -8.01 14.61 25.21
CA ASP B 39 -7.05 14.30 26.25
C ASP B 39 -6.07 15.44 26.47
N GLN B 40 -5.99 16.37 25.52
CA GLN B 40 -5.06 17.49 25.66
C GLN B 40 -5.65 18.60 26.53
N PHE B 41 -6.70 18.27 27.26
CA PHE B 41 -7.35 19.21 28.17
C PHE B 41 -7.13 18.81 29.61
N GLU B 42 -6.45 19.66 30.37
CA GLU B 42 -6.22 19.35 31.76
C GLU B 42 -7.56 19.56 32.46
N ASN B 43 -8.06 18.51 33.10
CA ASN B 43 -9.33 18.56 33.81
C ASN B 43 -10.51 18.75 32.87
N VAL B 44 -10.41 18.21 31.66
CA VAL B 44 -11.48 18.33 30.70
C VAL B 44 -12.76 17.79 31.33
N THR B 45 -13.88 18.42 31.03
CA THR B 45 -15.15 17.97 31.58
C THR B 45 -16.14 17.76 30.45
N VAL B 46 -17.15 16.95 30.70
CA VAL B 46 -18.17 16.66 29.69
C VAL B 46 -18.89 17.93 29.24
N ASP B 47 -19.07 18.87 30.16
CA ASP B 47 -19.73 20.13 29.83
C ASP B 47 -18.88 20.91 28.83
N GLN B 48 -17.58 20.97 29.09
CA GLN B 48 -16.64 21.67 28.23
C GLN B 48 -16.66 21.07 26.82
N VAL B 49 -16.64 19.74 26.75
CA VAL B 49 -16.66 19.04 25.46
C VAL B 49 -17.94 19.34 24.68
N ALA B 50 -19.08 19.27 25.37
CA ALA B 50 -20.37 19.53 24.75
C ALA B 50 -20.42 20.92 24.14
N GLU B 51 -19.78 21.89 24.77
CA GLU B 51 -19.76 23.24 24.23
C GLU B 51 -18.93 23.28 22.95
N MET B 52 -17.84 22.52 22.94
CA MET B 52 -17.00 22.45 21.75
C MET B 52 -17.74 21.77 20.62
N ILE B 53 -18.46 20.69 20.93
CA ILE B 53 -19.21 19.96 19.92
C ILE B 53 -20.22 20.88 19.23
N THR B 54 -21.03 21.55 20.04
CA THR B 54 -22.03 22.48 19.52
C THR B 54 -21.34 23.50 18.65
N LYS B 55 -20.13 23.88 19.05
CA LYS B 55 -19.33 24.86 18.32
C LYS B 55 -18.98 24.32 16.93
N LEU B 56 -19.32 23.06 16.68
CA LEU B 56 -19.03 22.43 15.39
C LEU B 56 -20.27 21.76 14.80
N GLN B 60 -22.16 22.59 11.11
CA GLN B 60 -21.93 21.53 10.13
C GLN B 60 -23.00 20.44 10.21
N ASP B 61 -22.90 19.48 9.30
CA ASP B 61 -23.83 18.36 9.23
C ASP B 61 -23.24 17.39 8.22
N SER B 62 -22.15 17.84 7.61
CA SER B 62 -21.45 17.08 6.57
C SER B 62 -20.68 15.88 7.08
N PHE B 63 -20.47 15.79 8.40
CA PHE B 63 -19.69 14.69 8.93
C PHE B 63 -20.05 14.20 10.33
N LYS B 64 -19.68 12.96 10.61
CA LYS B 64 -19.92 12.34 11.91
C LYS B 64 -18.91 12.89 12.92
N LEU B 65 -19.30 12.90 14.18
CA LEU B 65 -18.47 13.41 15.26
C LEU B 65 -17.96 12.27 16.14
N LEU B 66 -16.64 12.18 16.27
CA LEU B 66 -16.02 11.17 17.11
C LEU B 66 -15.21 11.85 18.20
N VAL B 67 -15.53 11.54 19.44
CA VAL B 67 -14.81 12.13 20.57
C VAL B 67 -13.86 11.09 21.13
N THR B 68 -12.60 11.48 21.29
CA THR B 68 -11.59 10.55 21.77
C THR B 68 -10.70 11.07 22.87
N TYR B 69 -10.70 10.37 24.00
CA TYR B 69 -9.85 10.71 25.12
C TYR B 69 -8.76 9.65 25.13
N ARG B 70 -7.57 10.02 24.65
CA ARG B 70 -6.45 9.09 24.60
C ARG B 70 -5.61 9.24 25.85
N THR B 71 -5.55 8.17 26.64
CA THR B 71 -4.79 8.15 27.87
C THR B 71 -3.31 8.09 27.55
N LYS B 72 -2.50 8.64 28.44
CA LYS B 72 -1.05 8.65 28.23
C LYS B 72 -0.49 7.24 28.11
N LEU B 73 -1.06 6.30 28.86
CA LEU B 73 -0.61 4.92 28.83
C LEU B 73 -0.79 4.33 27.42
N GLN B 74 -1.50 5.04 26.57
CA GLN B 74 -1.72 4.59 25.20
C GLN B 74 -1.26 5.62 24.19
N GLY B 75 -0.28 6.42 24.59
CA GLY B 75 0.27 7.43 23.70
C GLY B 75 -0.44 8.76 23.72
N GLY B 76 -1.40 8.92 24.63
CA GLY B 76 -2.13 10.16 24.70
C GLY B 76 -1.60 11.10 25.78
N TYR B 77 -2.39 12.14 26.08
CA TYR B 77 -2.02 13.11 27.10
C TYR B 77 -2.86 12.93 28.36
N GLY B 78 -4.00 12.25 28.21
CA GLY B 78 -4.89 12.03 29.34
C GLY B 78 -4.23 11.37 30.54
N GLN B 79 -4.24 12.05 31.68
CA GLN B 79 -3.63 11.52 32.89
C GLN B 79 -4.69 11.06 33.90
N PHE B 80 -5.96 11.21 33.52
CA PHE B 80 -7.06 10.78 34.38
C PHE B 80 -6.91 9.32 34.78
N THR B 81 -7.22 9.03 36.04
CA THR B 81 -7.13 7.68 36.57
C THR B 81 -7.96 6.75 35.68
N ASN B 82 -7.88 5.45 35.93
CA ASN B 82 -8.63 4.49 35.12
C ASN B 82 -10.12 4.61 35.41
N ASP B 83 -10.43 5.13 36.60
CA ASP B 83 -11.82 5.30 36.99
C ASP B 83 -12.39 6.60 36.46
N SER B 84 -11.61 7.68 36.52
CA SER B 84 -12.07 8.96 36.00
C SER B 84 -12.22 8.85 34.49
N TYR B 85 -11.41 7.97 33.90
CA TYR B 85 -11.43 7.71 32.47
C TYR B 85 -12.76 7.07 32.09
N LEU B 86 -13.01 5.87 32.62
CA LEU B 86 -14.24 5.15 32.33
C LEU B 86 -15.51 5.94 32.65
N ASN B 87 -15.46 6.83 33.65
CA ASN B 87 -16.62 7.65 33.98
C ASN B 87 -16.77 8.75 32.93
N LEU B 88 -15.64 9.21 32.42
CA LEU B 88 -15.62 10.24 31.39
C LEU B 88 -16.18 9.62 30.11
N ILE B 89 -15.60 8.50 29.70
CA ILE B 89 -16.02 7.78 28.50
C ILE B 89 -17.52 7.53 28.58
N SER B 90 -17.97 7.10 29.76
CA SER B 90 -19.37 6.80 30.01
C SER B 90 -20.29 8.03 30.00
N ASP B 91 -19.81 9.17 30.48
CA ASP B 91 -20.64 10.37 30.51
C ASP B 91 -20.71 11.11 29.17
N LEU B 92 -19.96 10.64 28.18
CA LEU B 92 -19.95 11.27 26.86
C LEU B 92 -21.20 10.86 26.10
N ALA B 93 -21.95 9.91 26.65
CA ALA B 93 -23.16 9.43 26.02
C ALA B 93 -24.31 10.42 26.14
N ASN B 94 -24.25 11.28 27.14
CA ASN B 94 -25.30 12.28 27.35
C ASN B 94 -25.21 13.43 26.36
N ILE B 95 -24.11 13.48 25.62
CA ILE B 95 -23.93 14.56 24.64
C ILE B 95 -24.52 14.13 23.30
N ASN B 96 -25.65 14.74 22.97
CA ASN B 96 -26.39 14.45 21.76
C ASN B 96 -25.60 14.64 20.46
N GLY B 97 -24.64 15.56 20.46
CA GLY B 97 -23.87 15.81 19.25
C GLY B 97 -22.81 14.79 18.89
N ILE B 98 -22.55 13.84 19.80
CA ILE B 98 -21.55 12.82 19.55
C ILE B 98 -22.14 11.61 18.81
N ASP B 99 -21.47 11.18 17.75
CA ASP B 99 -21.92 10.02 16.98
C ASP B 99 -21.10 8.78 17.32
N MET B 100 -19.81 8.99 17.59
CA MET B 100 -18.89 7.91 17.88
C MET B 100 -17.98 8.21 19.07
N ILE B 101 -17.77 7.21 19.92
CA ILE B 101 -16.92 7.37 21.08
C ILE B 101 -15.79 6.34 21.06
N ASP B 102 -14.61 6.75 21.51
CA ASP B 102 -13.46 5.86 21.54
C ASP B 102 -13.16 5.36 22.96
N ILE B 103 -13.17 4.03 23.13
CA ILE B 103 -12.88 3.42 24.42
C ILE B 103 -11.65 2.51 24.24
N GLU B 104 -10.65 2.70 25.09
CA GLU B 104 -9.43 1.91 25.00
C GLU B 104 -9.54 0.50 25.58
N TRP B 105 -8.73 -0.39 25.05
CA TRP B 105 -8.69 -1.77 25.52
C TRP B 105 -7.25 -2.20 25.72
N GLN B 106 -7.03 -3.06 26.69
CA GLN B 106 -5.71 -3.59 26.99
C GLN B 106 -5.91 -4.86 27.79
N ALA B 107 -4.89 -5.72 27.81
CA ALA B 107 -4.96 -6.99 28.51
C ALA B 107 -5.54 -6.93 29.93
N ASP B 108 -5.05 -5.98 30.72
CA ASP B 108 -5.48 -5.80 32.11
C ASP B 108 -6.78 -5.00 32.24
N ILE B 109 -7.81 -5.43 31.51
CA ILE B 109 -9.07 -4.71 31.54
C ILE B 109 -10.14 -5.46 32.31
N ASP B 110 -10.98 -4.70 33.02
CA ASP B 110 -12.08 -5.28 33.78
C ASP B 110 -13.16 -5.58 32.74
N ILE B 111 -13.09 -6.77 32.16
CA ILE B 111 -14.04 -7.18 31.13
C ILE B 111 -15.47 -6.76 31.41
N GLU B 112 -16.01 -7.21 32.54
CA GLU B 112 -17.38 -6.90 32.93
C GLU B 112 -17.66 -5.40 32.93
N LYS B 113 -16.78 -4.65 33.57
CA LYS B 113 -16.91 -3.20 33.67
C LYS B 113 -16.90 -2.52 32.30
N HIS B 114 -16.02 -3.00 31.43
CA HIS B 114 -15.87 -2.46 30.08
C HIS B 114 -17.13 -2.68 29.24
N GLN B 115 -17.64 -3.91 29.26
CA GLN B 115 -18.84 -4.28 28.53
C GLN B 115 -20.05 -3.44 28.96
N ARG B 116 -20.07 -3.07 30.24
CA ARG B 116 -21.15 -2.27 30.81
C ARG B 116 -21.17 -0.88 30.21
N ILE B 117 -19.99 -0.29 30.06
CA ILE B 117 -19.85 1.03 29.49
C ILE B 117 -20.16 1.01 27.99
N ILE B 118 -19.70 -0.03 27.31
CA ILE B 118 -19.93 -0.17 25.87
C ILE B 118 -21.42 -0.37 25.55
N THR B 119 -22.08 -1.22 26.34
CA THR B 119 -23.50 -1.45 26.13
C THR B 119 -24.22 -0.13 26.37
N HIS B 120 -23.79 0.58 27.41
CA HIS B 120 -24.34 1.87 27.79
C HIS B 120 -24.29 2.84 26.60
N LEU B 121 -23.09 3.06 26.07
CA LEU B 121 -22.88 3.96 24.94
C LEU B 121 -23.73 3.58 23.75
N GLN B 122 -23.80 2.28 23.46
CA GLN B 122 -24.58 1.84 22.34
C GLN B 122 -26.08 2.04 22.58
N GLN B 123 -26.51 1.88 23.82
CA GLN B 123 -27.92 2.07 24.11
C GLN B 123 -28.29 3.54 24.04
N TYR B 124 -27.28 4.41 24.05
CA TYR B 124 -27.52 5.83 23.91
C TYR B 124 -27.33 6.25 22.47
N ASN B 125 -27.39 5.26 21.59
CA ASN B 125 -27.26 5.46 20.15
C ASN B 125 -25.88 5.92 19.71
N LYS B 126 -24.86 5.50 20.46
CA LYS B 126 -23.49 5.87 20.13
C LYS B 126 -22.71 4.68 19.58
N GLU B 127 -22.06 4.87 18.44
CA GLU B 127 -21.23 3.82 17.83
C GLU B 127 -19.95 3.78 18.66
N VAL B 128 -19.49 2.58 18.98
CA VAL B 128 -18.30 2.46 19.79
C VAL B 128 -17.07 1.98 19.06
N ILE B 129 -15.96 2.67 19.33
CA ILE B 129 -14.69 2.31 18.75
C ILE B 129 -13.74 1.87 19.85
N ILE B 130 -13.52 0.56 19.98
CA ILE B 130 -12.60 0.04 20.97
C ILE B 130 -11.24 0.06 20.29
N SER B 131 -10.26 0.68 20.92
CA SER B 131 -8.94 0.79 20.31
C SER B 131 -7.78 0.27 21.16
N HIS B 132 -6.70 -0.10 20.50
CA HIS B 132 -5.50 -0.57 21.18
C HIS B 132 -4.29 -0.03 20.43
N HIS B 133 -3.38 0.58 21.18
CA HIS B 133 -2.18 1.16 20.60
C HIS B 133 -0.91 0.56 21.19
N ASN B 134 0.07 0.33 20.33
CA ASN B 134 1.36 -0.19 20.75
C ASN B 134 2.40 0.60 19.96
N PHE B 135 2.99 1.60 20.59
CA PHE B 135 3.99 2.44 19.94
C PHE B 135 5.39 1.84 20.01
N GLU B 136 5.52 0.75 20.74
CA GLU B 136 6.81 0.09 20.90
C GLU B 136 7.17 -0.83 19.75
N SER B 137 6.24 -1.70 19.38
CA SER B 137 6.49 -2.66 18.30
C SER B 137 5.21 -3.21 17.71
N THR B 138 5.38 -4.26 16.91
CA THR B 138 4.26 -4.93 16.27
C THR B 138 4.25 -6.41 16.64
N PRO B 139 3.33 -6.81 17.51
CA PRO B 139 3.26 -8.23 17.91
C PRO B 139 3.16 -9.12 16.68
N PRO B 140 3.52 -10.40 16.81
CA PRO B 140 3.44 -11.35 15.70
C PRO B 140 2.05 -11.38 15.12
N LEU B 141 1.93 -11.84 13.87
CA LEU B 141 0.64 -11.93 13.20
C LEU B 141 -0.44 -12.48 14.14
N ASP B 142 -0.25 -13.73 14.59
CA ASP B 142 -1.19 -14.40 15.47
C ASP B 142 -1.58 -13.53 16.65
N GLU B 143 -0.62 -12.80 17.21
CA GLU B 143 -0.92 -11.93 18.35
C GLU B 143 -1.90 -10.86 17.91
N LEU B 144 -1.57 -10.17 16.82
CA LEU B 144 -2.40 -9.11 16.28
C LEU B 144 -3.84 -9.58 16.15
N GLN B 145 -4.03 -10.74 15.51
CA GLN B 145 -5.35 -11.31 15.29
C GLN B 145 -6.08 -11.57 16.60
N PHE B 146 -5.32 -12.01 17.60
CA PHE B 146 -5.88 -12.30 18.90
C PHE B 146 -6.37 -10.99 19.52
N ILE B 147 -5.58 -9.92 19.39
CA ILE B 147 -6.00 -8.64 19.93
C ILE B 147 -7.32 -8.19 19.30
N PHE B 148 -7.46 -8.39 17.98
CA PHE B 148 -8.69 -8.03 17.27
C PHE B 148 -9.85 -8.92 17.73
N PHE B 149 -9.54 -10.18 17.98
CA PHE B 149 -10.54 -11.16 18.42
C PHE B 149 -11.15 -10.80 19.77
N LYS B 150 -10.32 -10.40 20.71
CA LYS B 150 -10.81 -10.06 22.02
C LYS B 150 -11.57 -8.75 22.01
N MET B 151 -11.09 -7.78 21.23
CA MET B 151 -11.78 -6.50 21.18
C MET B 151 -13.18 -6.63 20.59
N GLN B 152 -13.31 -7.44 19.55
CA GLN B 152 -14.61 -7.59 18.92
C GLN B 152 -15.56 -8.42 19.80
N LYS B 153 -15.03 -8.96 20.89
CA LYS B 153 -15.84 -9.75 21.82
C LYS B 153 -16.89 -8.87 22.48
N PHE B 154 -16.58 -7.59 22.64
CA PHE B 154 -17.51 -6.64 23.26
C PHE B 154 -18.57 -6.15 22.28
N ASN B 155 -18.47 -6.62 21.03
CA ASN B 155 -19.40 -6.26 19.96
C ASN B 155 -19.54 -4.77 19.71
N PRO B 156 -18.41 -4.08 19.47
CA PRO B 156 -18.43 -2.64 19.20
C PRO B 156 -18.75 -2.45 17.73
N GLU B 157 -18.83 -1.22 17.26
CA GLU B 157 -19.10 -0.98 15.85
C GLU B 157 -17.77 -1.08 15.09
N TYR B 158 -16.69 -0.74 15.79
CA TYR B 158 -15.34 -0.75 15.22
C TYR B 158 -14.26 -1.26 16.17
N VAL B 159 -13.31 -2.00 15.63
CA VAL B 159 -12.17 -2.47 16.40
C VAL B 159 -11.02 -1.76 15.71
N LYS B 160 -10.18 -1.12 16.51
CA LYS B 160 -9.04 -0.39 15.98
C LYS B 160 -7.76 -0.80 16.67
N LEU B 161 -6.75 -1.14 15.87
CA LEU B 161 -5.46 -1.56 16.39
C LEU B 161 -4.34 -0.84 15.65
N ALA B 162 -3.53 -0.10 16.41
CA ALA B 162 -2.40 0.63 15.86
C ALA B 162 -1.14 0.08 16.49
N VAL B 163 -0.19 -0.32 15.65
CA VAL B 163 1.08 -0.89 16.12
C VAL B 163 2.27 -0.23 15.42
N MET B 164 3.46 -0.35 16.02
CA MET B 164 4.66 0.26 15.46
C MET B 164 5.56 -0.77 14.80
N PRO B 165 5.77 -0.64 13.48
CA PRO B 165 6.61 -1.58 12.74
C PRO B 165 8.10 -1.29 12.85
N HIS B 166 8.90 -2.34 12.73
CA HIS B 166 10.37 -2.25 12.78
C HIS B 166 10.91 -2.81 11.47
N ASN B 167 10.02 -3.42 10.69
CA ASN B 167 10.39 -4.01 9.41
C ASN B 167 9.19 -4.18 8.50
N LYS B 168 9.44 -4.71 7.31
CA LYS B 168 8.39 -4.93 6.31
C LYS B 168 7.37 -5.97 6.72
N ASN B 169 7.83 -7.03 7.40
CA ASN B 169 6.94 -8.08 7.84
C ASN B 169 5.94 -7.56 8.88
N ASP B 170 6.38 -6.64 9.73
CA ASP B 170 5.48 -6.08 10.72
C ASP B 170 4.33 -5.38 10.01
N VAL B 171 4.62 -4.74 8.88
CA VAL B 171 3.59 -4.03 8.14
C VAL B 171 2.65 -5.02 7.46
N LEU B 172 3.23 -6.08 6.89
CA LEU B 172 2.45 -7.10 6.21
C LEU B 172 1.55 -7.86 7.17
N ASN B 173 2.05 -8.09 8.38
CA ASN B 173 1.27 -8.80 9.38
C ASN B 173 0.06 -7.95 9.78
N LEU B 174 0.29 -6.66 10.03
CA LEU B 174 -0.79 -5.76 10.40
C LEU B 174 -1.85 -5.79 9.29
N LEU B 175 -1.41 -5.67 8.04
CA LEU B 175 -2.31 -5.70 6.88
C LEU B 175 -3.02 -7.06 6.78
N GLN B 176 -2.29 -8.15 7.01
CA GLN B 176 -2.89 -9.47 6.94
C GLN B 176 -3.95 -9.66 8.02
N ALA B 177 -3.59 -9.30 9.25
CA ALA B 177 -4.51 -9.45 10.38
C ALA B 177 -5.83 -8.71 10.12
N MET B 178 -5.72 -7.48 9.64
CA MET B 178 -6.89 -6.67 9.35
C MET B 178 -7.70 -7.26 8.19
N SER B 179 -7.01 -7.75 7.18
CA SER B 179 -7.68 -8.32 6.02
C SER B 179 -8.39 -9.61 6.40
N THR B 180 -7.76 -10.45 7.21
CA THR B 180 -8.42 -11.69 7.61
C THR B 180 -9.62 -11.37 8.49
N PHE B 181 -9.45 -10.43 9.42
CA PHE B 181 -10.57 -10.04 10.28
C PHE B 181 -11.74 -9.61 9.39
N SER B 182 -11.44 -8.81 8.36
CA SER B 182 -12.46 -8.31 7.44
C SER B 182 -13.26 -9.40 6.71
N ASP B 183 -12.59 -10.46 6.29
CA ASP B 183 -13.27 -11.54 5.58
C ASP B 183 -14.17 -12.39 6.48
N THR B 184 -13.91 -12.36 7.78
CA THR B 184 -14.68 -13.17 8.70
C THR B 184 -15.64 -12.48 9.66
N MET B 185 -15.11 -11.67 10.57
CA MET B 185 -15.93 -10.98 11.56
C MET B 185 -16.99 -10.03 11.01
N ASP B 186 -18.13 -9.97 11.69
CA ASP B 186 -19.23 -9.10 11.30
C ASP B 186 -19.12 -7.83 12.14
N CYS B 187 -18.00 -7.15 11.98
CA CYS B 187 -17.71 -5.94 12.73
C CYS B 187 -16.67 -5.17 11.91
N LYS B 188 -16.75 -3.84 11.94
CA LYS B 188 -15.80 -3.03 11.19
C LYS B 188 -14.45 -3.02 11.87
N VAL B 189 -13.39 -3.04 11.08
CA VAL B 189 -12.03 -3.04 11.61
C VAL B 189 -11.24 -1.86 11.08
N VAL B 190 -10.26 -1.44 11.87
CA VAL B 190 -9.38 -0.34 11.51
C VAL B 190 -7.98 -0.84 11.87
N GLY B 191 -7.13 -0.97 10.88
CA GLY B 191 -5.77 -1.43 11.13
C GLY B 191 -4.77 -0.36 10.75
N ILE B 192 -3.89 -0.03 11.70
CA ILE B 192 -2.88 0.98 11.46
C ILE B 192 -1.47 0.56 11.85
N SER B 193 -0.57 0.65 10.89
CA SER B 193 0.85 0.37 11.09
C SER B 193 1.42 1.78 11.05
N MET B 194 1.90 2.26 12.19
CA MET B 194 2.42 3.63 12.29
C MET B 194 3.76 3.91 11.65
N SER B 195 4.10 5.20 11.61
CA SER B 195 5.33 5.74 11.04
C SER B 195 5.29 5.68 9.51
N LYS B 196 6.30 6.24 8.86
CA LYS B 196 6.31 6.23 7.40
C LYS B 196 6.36 4.82 6.84
N LEU B 197 7.11 3.95 7.51
CA LEU B 197 7.23 2.57 7.08
C LEU B 197 5.84 1.95 6.91
N GLY B 198 4.89 2.35 7.76
CA GLY B 198 3.55 1.78 7.69
C GLY B 198 2.49 2.57 6.93
N LEU B 199 2.89 3.64 6.26
CA LEU B 199 1.96 4.51 5.52
C LEU B 199 0.99 3.81 4.57
N ILE B 200 1.45 2.71 3.96
CA ILE B 200 0.62 1.95 3.03
C ILE B 200 -0.66 1.48 3.72
N SER B 201 -0.57 1.17 5.01
CA SER B 201 -1.74 0.73 5.76
C SER B 201 -2.79 1.84 5.81
N ARG B 202 -2.32 3.08 5.89
CA ARG B 202 -3.24 4.21 5.96
C ARG B 202 -3.88 4.60 4.64
N THR B 203 -3.12 4.51 3.55
CA THR B 203 -3.60 4.88 2.23
C THR B 203 -4.38 3.78 1.52
N ALA B 204 -3.94 2.54 1.66
CA ALA B 204 -4.64 1.44 1.00
C ALA B 204 -5.58 0.73 1.97
N GLN B 205 -5.87 1.39 3.10
CA GLN B 205 -6.73 0.83 4.14
C GLN B 205 -7.98 0.13 3.61
N GLY B 206 -8.68 0.78 2.69
CA GLY B 206 -9.88 0.19 2.13
C GLY B 206 -9.66 -1.05 1.27
N VAL B 207 -8.47 -1.17 0.68
CA VAL B 207 -8.19 -2.34 -0.16
C VAL B 207 -8.18 -3.61 0.70
N PHE B 208 -7.68 -3.48 1.91
CA PHE B 208 -7.59 -4.62 2.81
C PHE B 208 -8.68 -4.72 3.88
N GLY B 209 -9.84 -4.15 3.59
CA GLY B 209 -10.96 -4.23 4.53
C GLY B 209 -11.18 -3.15 5.57
N GLY B 210 -10.20 -2.26 5.76
CA GLY B 210 -10.34 -1.22 6.75
C GLY B 210 -11.50 -0.26 6.53
N ALA B 211 -12.12 0.21 7.61
CA ALA B 211 -13.25 1.11 7.50
C ALA B 211 -12.92 2.58 7.74
N LEU B 212 -11.79 2.82 8.41
CA LEU B 212 -11.35 4.17 8.76
C LEU B 212 -9.86 4.39 8.54
N THR B 213 -9.49 5.59 8.16
CA THR B 213 -8.09 5.95 8.01
C THR B 213 -8.00 7.37 8.55
N TYR B 214 -7.04 7.57 9.46
CA TYR B 214 -6.86 8.85 10.11
C TYR B 214 -5.82 9.78 9.50
N GLY B 215 -6.19 11.06 9.40
CA GLY B 215 -5.30 12.07 8.86
C GLY B 215 -5.43 13.37 9.66
N CYS B 216 -4.63 14.37 9.31
CA CYS B 216 -4.66 15.64 10.02
C CYS B 216 -5.09 16.82 9.15
N ILE B 217 -5.26 17.98 9.79
CA ILE B 217 -5.63 19.21 9.09
C ILE B 217 -4.36 20.05 8.96
N GLY B 218 -3.51 19.99 9.97
CA GLY B 218 -2.26 20.73 9.93
C GLY B 218 -1.08 19.81 10.11
N GLU B 219 -0.61 19.69 11.35
CA GLU B 219 0.51 18.82 11.67
C GLU B 219 -0.02 17.43 11.99
N PRO B 220 0.81 16.39 11.79
CA PRO B 220 0.39 15.03 12.08
C PRO B 220 0.05 14.86 13.57
N GLN B 221 -1.11 14.26 13.85
CA GLN B 221 -1.55 14.03 15.22
C GLN B 221 -1.05 12.68 15.73
N ALA B 222 -0.39 11.94 14.85
CA ALA B 222 0.16 10.64 15.21
C ALA B 222 1.23 10.28 14.17
N PRO B 223 2.19 9.42 14.55
CA PRO B 223 3.25 9.03 13.61
C PRO B 223 2.71 8.34 12.35
N GLY B 224 2.86 9.00 11.22
CA GLY B 224 2.39 8.44 9.97
C GLY B 224 1.27 9.18 9.27
N GLN B 225 0.58 10.05 9.98
CA GLN B 225 -0.52 10.80 9.37
C GLN B 225 -0.07 11.82 8.33
N ILE B 226 -0.97 12.10 7.39
CA ILE B 226 -0.75 13.07 6.33
C ILE B 226 -2.04 13.88 6.25
N ASP B 227 -2.03 14.99 5.51
CA ASP B 227 -3.24 15.80 5.40
C ASP B 227 -4.43 15.00 4.89
N VAL B 228 -5.62 15.30 5.43
CA VAL B 228 -6.83 14.59 5.02
C VAL B 228 -7.17 14.78 3.55
N THR B 229 -6.71 15.87 2.96
CA THR B 229 -6.98 16.13 1.54
C THR B 229 -6.18 15.14 0.70
N ASP B 230 -4.96 14.89 1.10
CA ASP B 230 -4.12 13.96 0.38
C ASP B 230 -4.56 12.52 0.68
N LEU B 231 -4.97 12.28 1.93
CA LEU B 231 -5.42 10.95 2.30
C LEU B 231 -6.68 10.66 1.50
N LYS B 232 -7.56 11.64 1.46
CA LYS B 232 -8.80 11.50 0.69
C LYS B 232 -8.44 11.13 -0.75
N ALA B 233 -7.47 11.83 -1.32
CA ALA B 233 -7.05 11.54 -2.68
C ALA B 233 -6.43 10.15 -2.78
N GLN B 234 -5.71 9.73 -1.74
CA GLN B 234 -5.11 8.40 -1.74
C GLN B 234 -6.19 7.32 -1.72
N VAL B 235 -7.19 7.49 -0.86
CA VAL B 235 -8.27 6.52 -0.74
C VAL B 235 -9.09 6.43 -2.04
N THR B 236 -9.07 7.52 -2.80
CA THR B 236 -9.81 7.58 -4.07
C THR B 236 -9.03 6.87 -5.17
N LEU B 237 -7.71 6.83 -5.01
CA LEU B 237 -6.83 6.17 -5.97
C LEU B 237 -6.90 4.65 -5.89
N TYR B 238 -7.00 4.12 -4.68
CA TYR B 238 -7.05 2.67 -4.49
C TYR B 238 -8.45 2.10 -4.52
C2 DHK C . 5.49 -5.97 -16.25
C3 DHK C . 6.76 -6.18 -17.04
C4 DHK C . 6.79 -5.49 -18.43
O4 DHK C . 7.56 -6.20 -19.40
C5 DHK C . 5.42 -5.07 -18.98
C1 DHK C . 4.53 -5.10 -16.62
C6 DHK C . 4.65 -4.25 -17.93
C DHK C . 3.36 -4.80 -15.71
O1 DHK C . 2.64 -5.74 -15.33
O2 DHK C . 3.15 -3.62 -15.39
O5 DHK C . 5.57 -4.34 -20.21
C2 DHK D . -5.17 6.43 15.71
C3 DHK D . -6.43 6.57 16.52
C4 DHK D . -6.79 8.02 16.94
O4 DHK D . -7.47 8.09 18.19
C5 DHK D . -5.63 9.02 16.83
C1 DHK D . -4.51 7.48 15.20
C6 DHK D . -4.99 8.94 15.45
C DHK D . -3.38 7.28 14.21
O1 DHK D . -2.35 6.67 14.58
O2 DHK D . -3.53 7.75 13.06
O5 DHK D . -6.09 10.36 17.12
#